data_7VM7
#
_entry.id   7VM7
#
_cell.length_a   120.982
_cell.length_b   120.982
_cell.length_c   42.222
_cell.angle_alpha   90.00
_cell.angle_beta   90.00
_cell.angle_gamma   120.00
#
_symmetry.space_group_name_H-M   'H 3'
#
loop_
_entity.id
_entity.type
_entity.pdbx_description
1 polymer 'Urokinase-type plasminogen activator chain B'
2 non-polymer '(6-carbamimidoylnaphthalen-2-yl) 4-carbamimidamidobenzoate'
3 water water
#
_entity_poly.entity_id   1
_entity_poly.type   'polypeptide(L)'
_entity_poly.pdbx_seq_one_letter_code
;IIGGEFTTIENQPWFAAIYRRHRGGSVTYVCGGSLISPCWVISATHCFIDYPKKEDYIVYLGRSRLNSNTQGEMKFEVEN
LILHKDYSADTLAHHNDIALLKIRSKEGRCAQPSRTIQTIALPSMYNDPQFGTSCEITGFGKEQSTDYLYPEQLKMTVVK
LISHRECQQPHYYGSEVTTKMLCAADPQWKTDSCQGDAGGPLVCSLQGRMTLTGIVSWGRGCALKDKPGVYTRVSHFLPW
IRSHT
;
_entity_poly.pdbx_strand_id   U
#
# COMPACT_ATOMS: atom_id res chain seq x y z
N ILE A 1 4.33 -0.64 -10.21
CA ILE A 1 5.27 -1.73 -10.03
C ILE A 1 6.27 -1.78 -11.19
N ILE A 2 7.55 -1.72 -10.83
CA ILE A 2 8.67 -1.99 -11.78
C ILE A 2 8.90 -3.50 -11.88
N GLY A 3 8.99 -4.00 -13.11
CA GLY A 3 9.11 -5.42 -13.43
C GLY A 3 7.91 -6.22 -12.91
N GLY A 4 8.15 -7.38 -12.35
CA GLY A 4 7.14 -8.36 -11.92
C GLY A 4 6.16 -8.60 -13.04
N GLU A 5 4.92 -8.92 -12.70
CA GLU A 5 3.98 -9.59 -13.63
C GLU A 5 2.62 -8.90 -13.49
N PHE A 6 1.85 -8.90 -14.57
CA PHE A 6 0.42 -8.53 -14.51
C PHE A 6 -0.27 -9.63 -13.74
N THR A 7 -1.20 -9.22 -12.90
CA THR A 7 -1.94 -10.20 -12.07
C THR A 7 -3.40 -9.88 -12.19
N THR A 8 -4.24 -10.55 -11.41
CA THR A 8 -5.65 -10.14 -11.32
C THR A 8 -5.96 -10.04 -9.83
N ILE A 9 -7.09 -9.46 -9.50
CA ILE A 9 -7.45 -9.17 -8.09
C ILE A 9 -7.57 -10.49 -7.31
N GLU A 10 -7.90 -11.60 -7.97
CA GLU A 10 -8.14 -12.89 -7.28
C GLU A 10 -6.83 -13.31 -6.62
N ASN A 11 -5.66 -12.91 -7.16
CA ASN A 11 -4.36 -13.23 -6.58
C ASN A 11 -4.00 -12.24 -5.47
N GLN A 12 -4.69 -11.10 -5.34
CA GLN A 12 -4.39 -10.12 -4.26
C GLN A 12 -5.70 -9.53 -3.75
N PRO A 13 -6.67 -10.38 -3.28
CA PRO A 13 -8.05 -9.95 -3.11
C PRO A 13 -8.28 -8.92 -1.99
N TRP A 14 -7.27 -8.65 -1.18
CA TRP A 14 -7.33 -7.56 -0.18
C TRP A 14 -6.96 -6.21 -0.81
N PHE A 15 -6.45 -6.21 -2.03
CA PHE A 15 -6.02 -4.94 -2.66
C PHE A 15 -7.21 -3.99 -2.91
N ALA A 16 -7.06 -2.75 -2.42
CA ALA A 16 -8.06 -1.68 -2.53
C ALA A 16 -7.51 -0.61 -3.48
N ALA A 17 -8.35 -0.15 -4.40
CA ALA A 17 -8.00 0.90 -5.37
C ALA A 17 -8.72 2.18 -4.96
N ILE A 18 -7.97 3.24 -4.67
CA ILE A 18 -8.53 4.48 -4.05
C ILE A 18 -8.39 5.61 -5.06
N TYR A 19 -9.54 6.22 -5.39
CA TYR A 19 -9.65 7.32 -6.38
C TYR A 19 -10.18 8.58 -5.68
N ARG A 20 -9.98 9.72 -6.35
CA ARG A 20 -10.51 11.03 -5.92
C ARG A 20 -11.37 11.60 -7.04
N ARG A 21 -12.61 11.99 -6.71
CA ARG A 21 -13.52 12.69 -7.65
C ARG A 21 -13.21 14.19 -7.60
N HIS A 22 -13.23 14.84 -8.75
CA HIS A 22 -12.89 16.27 -8.90
C HIS A 22 -14.15 17.06 -9.28
N ARG A 23 -14.11 18.35 -8.96
CA ARG A 23 -15.19 19.34 -9.21
C ARG A 23 -15.14 19.61 -10.72
N GLY A 24 -16.11 19.07 -11.46
CA GLY A 24 -16.04 18.88 -12.91
C GLY A 24 -16.37 17.44 -13.28
N GLY A 25 -16.23 16.52 -12.31
CA GLY A 25 -16.73 15.14 -12.42
C GLY A 25 -15.66 14.16 -12.86
N SER A 26 -14.42 14.65 -13.10
CA SER A 26 -13.24 13.79 -13.36
C SER A 26 -12.85 13.06 -12.06
N VAL A 27 -12.63 11.74 -12.15
CA VAL A 27 -12.18 10.86 -11.03
C VAL A 27 -10.80 10.31 -11.40
N THR A 28 -9.77 10.55 -10.58
CA THR A 28 -8.44 10.00 -10.91
C THR A 28 -7.90 9.18 -9.74
N TYR A 29 -6.96 8.30 -10.08
CA TYR A 29 -6.38 7.33 -9.13
C TYR A 29 -5.50 8.05 -8.13
N VAL A 30 -5.59 7.64 -6.88
CA VAL A 30 -4.80 8.23 -5.76
C VAL A 30 -3.72 7.21 -5.36
N CYS A 31 -4.10 6.06 -4.85
CA CYS A 31 -3.18 5.21 -4.08
C CYS A 31 -3.80 3.83 -3.91
N GLY A 32 -2.98 2.85 -3.59
CA GLY A 32 -3.49 1.55 -3.14
C GLY A 32 -3.85 1.55 -1.67
N GLY A 33 -4.39 0.42 -1.23
CA GLY A 33 -4.65 0.15 0.19
C GLY A 33 -4.92 -1.32 0.35
N SER A 34 -5.25 -1.74 1.56
CA SER A 34 -5.41 -3.16 1.93
C SER A 34 -6.62 -3.31 2.86
N LEU A 35 -7.53 -4.21 2.49
CA LEU A 35 -8.69 -4.60 3.33
C LEU A 35 -8.23 -5.42 4.56
N ILE A 36 -8.33 -4.82 5.75
CA ILE A 36 -7.82 -5.51 6.98
C ILE A 36 -8.99 -6.03 7.81
N SER A 37 -10.19 -5.62 7.48
CA SER A 37 -11.44 -6.09 8.11
C SER A 37 -12.54 -5.61 7.19
N PRO A 38 -13.79 -6.15 7.28
CA PRO A 38 -14.84 -5.81 6.31
C PRO A 38 -15.08 -4.31 6.11
N CYS A 39 -14.96 -3.50 7.15
CA CYS A 39 -15.33 -2.06 7.09
C CYS A 39 -14.12 -1.15 6.95
N TRP A 40 -12.90 -1.70 6.91
CA TRP A 40 -11.65 -0.90 7.14
C TRP A 40 -10.63 -1.22 6.06
N VAL A 41 -10.16 -0.16 5.41
CA VAL A 41 -9.00 -0.25 4.50
C VAL A 41 -7.83 0.52 5.10
N ILE A 42 -6.65 -0.06 5.04
CA ILE A 42 -5.41 0.63 5.49
C ILE A 42 -4.57 1.08 4.28
N SER A 43 -3.95 2.24 4.38
CA SER A 43 -3.24 2.95 3.31
C SER A 43 -2.23 3.90 3.94
N ALA A 44 -1.70 4.84 3.16
CA ALA A 44 -0.62 5.77 3.60
C ALA A 44 -1.21 7.16 3.77
N THR A 45 -0.90 7.82 4.89
CA THR A 45 -1.38 9.20 5.15
C THR A 45 -0.95 10.12 4.01
N HIS A 46 0.24 9.96 3.43
CA HIS A 46 0.75 10.96 2.46
C HIS A 46 -0.12 11.01 1.22
N CYS A 47 -0.82 9.91 0.92
CA CYS A 47 -1.79 9.86 -0.20
C CYS A 47 -2.86 10.96 -0.09
N PHE A 48 -3.24 11.35 1.14
CA PHE A 48 -4.48 12.12 1.44
C PHE A 48 -4.18 13.48 2.09
N ILE A 49 -2.99 13.69 2.64
CA ILE A 49 -2.72 14.81 3.61
C ILE A 49 -3.01 16.15 2.91
N ASP A 50 -2.72 16.26 1.61
CA ASP A 50 -2.91 17.49 0.80
C ASP A 50 -4.41 17.81 0.64
N TYR A 51 -5.30 16.80 0.68
CA TYR A 51 -6.75 16.98 0.45
C TYR A 51 -7.55 16.04 1.34
N PRO A 52 -7.53 16.27 2.66
CA PRO A 52 -8.09 15.32 3.61
C PRO A 52 -9.62 15.39 3.80
N LYS A 53 -10.35 15.48 2.70
CA LYS A 53 -11.83 15.55 2.64
C LYS A 53 -12.37 14.18 2.24
N LYS A 54 -12.92 13.42 3.18
CA LYS A 54 -13.37 12.03 2.92
C LYS A 54 -14.37 12.00 1.78
N GLU A 55 -15.17 13.07 1.61
CA GLU A 55 -16.33 13.06 0.68
C GLU A 55 -15.87 12.90 -0.76
N ASP A 56 -14.62 13.27 -1.07
CA ASP A 56 -14.10 13.28 -2.45
C ASP A 56 -13.27 12.02 -2.73
N TYR A 57 -13.41 10.96 -1.94
CA TYR A 57 -12.69 9.68 -2.20
C TYR A 57 -13.69 8.55 -2.40
N ILE A 58 -13.29 7.67 -3.31
CA ILE A 58 -13.98 6.42 -3.65
C ILE A 58 -13.00 5.27 -3.42
N VAL A 59 -13.44 4.18 -2.82
CA VAL A 59 -12.66 2.93 -2.65
C VAL A 59 -13.35 1.84 -3.46
N TYR A 60 -12.59 1.23 -4.38
CA TYR A 60 -12.98 -0.05 -5.01
C TYR A 60 -12.24 -1.21 -4.38
N LEU A 61 -12.96 -2.31 -4.27
CA LEU A 61 -12.47 -3.64 -3.93
C LEU A 61 -12.81 -4.56 -5.11
N GLY A 62 -12.08 -5.64 -5.27
CA GLY A 62 -12.31 -6.65 -6.30
C GLY A 62 -11.99 -6.14 -7.69
N ARG A 63 -11.22 -5.06 -7.81
CA ARG A 63 -10.99 -4.34 -9.09
C ARG A 63 -9.59 -4.70 -9.61
N SER A 64 -9.52 -5.21 -10.85
CA SER A 64 -8.28 -5.68 -11.52
C SER A 64 -7.80 -4.62 -12.53
N ARG A 65 -8.63 -3.64 -12.88
CA ARG A 65 -8.20 -2.60 -13.85
C ARG A 65 -8.45 -1.21 -13.32
N LEU A 66 -7.60 -0.30 -13.79
CA LEU A 66 -7.48 1.08 -13.31
C LEU A 66 -8.67 1.92 -13.77
N ASN A 67 -9.04 1.85 -15.05
CA ASN A 67 -9.98 2.82 -15.67
C ASN A 67 -11.13 2.08 -16.36
N SER A 68 -11.32 0.79 -16.11
CA SER A 68 -12.52 0.03 -16.56
C SER A 68 -13.01 -0.88 -15.41
N ASN A 69 -14.27 -1.29 -15.48
CA ASN A 69 -14.91 -2.12 -14.44
C ASN A 69 -14.41 -3.58 -14.57
N THR A 70 -14.29 -4.27 -13.45
CA THR A 70 -14.02 -5.72 -13.28
C THR A 70 -15.30 -6.37 -12.78
N GLN A 71 -15.71 -7.49 -13.35
CA GLN A 71 -16.89 -8.22 -12.79
C GLN A 71 -16.52 -8.64 -11.37
N GLY A 72 -17.37 -8.37 -10.40
CA GLY A 72 -17.13 -8.74 -8.99
C GLY A 72 -16.49 -7.61 -8.19
N GLU A 73 -16.23 -6.45 -8.82
CA GLU A 73 -15.76 -5.25 -8.08
C GLU A 73 -16.90 -4.72 -7.22
N MET A 74 -16.56 -3.92 -6.21
CA MET A 74 -17.54 -3.26 -5.33
C MET A 74 -17.03 -1.87 -4.99
N LYS A 75 -17.92 -0.91 -5.11
CA LYS A 75 -17.64 0.51 -4.86
C LYS A 75 -18.09 0.96 -3.46
N PHE A 76 -17.25 1.69 -2.74
CA PHE A 76 -17.53 2.21 -1.37
C PHE A 76 -17.22 3.70 -1.26
N GLU A 77 -18.02 4.36 -0.41
CA GLU A 77 -17.77 5.73 0.08
C GLU A 77 -16.88 5.61 1.32
N VAL A 78 -16.23 6.70 1.69
CA VAL A 78 -15.36 6.79 2.88
C VAL A 78 -16.17 7.43 4.01
N GLU A 79 -16.61 6.61 4.95
CA GLU A 79 -17.37 7.05 6.14
C GLU A 79 -16.44 7.83 7.07
N ASN A 80 -15.17 7.44 7.15
CA ASN A 80 -14.14 8.00 8.05
C ASN A 80 -12.75 8.00 7.40
N LEU A 81 -12.10 9.16 7.27
CA LEU A 81 -10.71 9.23 6.74
C LEU A 81 -9.79 9.58 7.90
N ILE A 82 -9.06 8.59 8.42
CA ILE A 82 -8.24 8.72 9.64
C ILE A 82 -6.78 8.80 9.24
N LEU A 83 -6.18 9.98 9.37
CA LEU A 83 -4.76 10.18 9.06
C LEU A 83 -3.99 10.16 10.39
N HIS A 84 -2.71 9.84 10.34
CA HIS A 84 -1.87 9.74 11.56
C HIS A 84 -1.52 11.15 12.04
N LYS A 85 -1.87 11.49 13.27
CA LYS A 85 -1.62 12.84 13.90
C LYS A 85 -0.14 13.22 13.80
N ASP A 86 0.75 12.22 13.77
CA ASP A 86 2.21 12.42 13.83
C ASP A 86 2.87 12.21 12.48
N TYR A 87 2.10 12.21 11.39
CA TYR A 87 2.68 12.16 10.04
C TYR A 87 3.60 13.36 9.87
N SER A 88 4.74 13.14 9.24
CA SER A 88 5.59 14.24 8.74
C SER A 88 6.36 13.74 7.54
N ALA A 89 6.74 14.65 6.65
CA ALA A 89 7.52 14.37 5.44
C ALA A 89 8.91 14.98 5.65
N ASP A 90 9.97 14.21 5.38
CA ASP A 90 11.39 14.68 5.34
C ASP A 90 11.72 15.07 3.91
N THR A 91 13.00 15.14 3.52
CA THR A 91 13.45 15.37 2.12
C THR A 91 13.09 14.15 1.26
N LEU A 92 13.17 12.95 1.85
CA LEU A 92 12.80 11.66 1.20
C LEU A 92 11.70 10.99 2.05
N ALA A 93 12.02 10.71 3.31
CA ALA A 93 11.23 9.85 4.21
C ALA A 93 9.85 10.48 4.49
N HIS A 94 8.84 9.64 4.62
CA HIS A 94 7.57 9.96 5.31
C HIS A 94 7.59 9.17 6.61
N HIS A 95 7.23 9.81 7.73
CA HIS A 95 7.13 9.18 9.06
C HIS A 95 5.66 9.02 9.39
N ASN A 96 5.30 7.94 10.10
CA ASN A 96 3.96 7.54 10.57
C ASN A 96 3.02 7.51 9.36
N ASP A 97 3.53 7.01 8.23
CA ASP A 97 2.82 7.11 6.92
C ASP A 97 1.80 5.98 6.87
N ILE A 98 0.70 6.16 7.60
CA ILE A 98 -0.37 5.15 7.80
C ILE A 98 -1.68 5.91 7.94
N ALA A 99 -2.73 5.33 7.36
CA ALA A 99 -4.06 5.93 7.25
C ALA A 99 -5.09 4.81 7.31
N LEU A 100 -6.25 5.12 7.88
CA LEU A 100 -7.40 4.22 7.84
C LEU A 100 -8.56 4.89 7.12
N LEU A 101 -9.26 4.09 6.34
CA LEU A 101 -10.46 4.47 5.59
C LEU A 101 -11.54 3.50 6.02
N LYS A 102 -12.52 4.03 6.72
CA LYS A 102 -13.73 3.26 7.07
C LYS A 102 -14.67 3.31 5.87
N ILE A 103 -14.94 2.15 5.27
CA ILE A 103 -15.71 2.09 4.01
C ILE A 103 -17.18 1.77 4.29
N ARG A 104 -18.06 2.32 3.47
CA ARG A 104 -19.47 1.85 3.41
C ARG A 104 -20.06 2.14 2.04
N SER A 105 -20.75 1.15 1.47
CA SER A 105 -21.51 1.29 0.20
C SER A 105 -22.68 2.27 0.46
N LYS A 106 -23.23 2.88 -0.59
CA LYS A 106 -24.42 3.79 -0.46
C LYS A 106 -25.60 2.98 0.08
N GLU A 107 -25.61 1.68 -0.16
CA GLU A 107 -26.59 0.70 0.39
C GLU A 107 -26.31 0.47 1.88
N GLY A 108 -25.11 0.82 2.39
CA GLY A 108 -24.77 0.82 3.82
C GLY A 108 -24.00 -0.43 4.24
N ARG A 109 -23.45 -1.18 3.29
CA ARG A 109 -22.74 -2.45 3.58
C ARG A 109 -21.23 -2.16 3.64
N CYS A 110 -20.53 -2.95 4.44
CA CYS A 110 -19.04 -3.10 4.42
C CYS A 110 -18.73 -4.18 3.39
N ALA A 111 -17.47 -4.60 3.27
CA ALA A 111 -17.07 -5.58 2.23
C ALA A 111 -17.62 -6.98 2.59
N GLN A 112 -17.93 -7.79 1.58
CA GLN A 112 -18.24 -9.23 1.72
C GLN A 112 -17.21 -10.05 0.95
N PRO A 113 -16.51 -10.98 1.61
CA PRO A 113 -15.61 -11.88 0.91
C PRO A 113 -16.29 -12.59 -0.26
N SER A 114 -15.54 -12.71 -1.34
CA SER A 114 -15.93 -13.35 -2.61
C SER A 114 -14.67 -13.88 -3.30
N ARG A 115 -14.80 -14.32 -4.54
CA ARG A 115 -13.64 -14.79 -5.27
C ARG A 115 -12.66 -13.63 -5.41
N THR A 116 -13.13 -12.39 -5.40
CA THR A 116 -12.28 -11.20 -5.75
C THR A 116 -11.97 -10.32 -4.52
N ILE A 117 -12.55 -10.62 -3.36
CA ILE A 117 -12.45 -9.75 -2.16
C ILE A 117 -12.20 -10.63 -0.93
N GLN A 118 -11.10 -10.37 -0.21
CA GLN A 118 -10.81 -11.06 1.07
C GLN A 118 -10.04 -10.07 1.94
N THR A 119 -10.08 -10.24 3.26
CA THR A 119 -9.26 -9.41 4.19
C THR A 119 -7.87 -10.02 4.20
N ILE A 120 -6.86 -9.28 4.65
CA ILE A 120 -5.46 -9.73 4.88
C ILE A 120 -5.24 -9.62 6.38
N ALA A 121 -4.56 -10.61 6.97
CA ALA A 121 -4.27 -10.61 8.43
C ALA A 121 -3.27 -9.50 8.75
N LEU A 122 -3.37 -8.94 9.95
CA LEU A 122 -2.31 -8.06 10.50
C LEU A 122 -1.28 -8.93 11.21
N PRO A 123 -0.03 -8.45 11.35
CA PRO A 123 0.97 -9.16 12.15
C PRO A 123 0.68 -8.92 13.64
N SER A 124 1.28 -9.71 14.53
CA SER A 124 1.23 -9.41 15.98
C SER A 124 2.24 -8.29 16.27
N MET A 125 2.05 -7.57 17.39
CA MET A 125 2.83 -6.36 17.74
C MET A 125 4.32 -6.66 17.59
N TYR A 126 5.05 -5.82 16.84
CA TYR A 126 6.54 -5.77 16.71
C TYR A 126 7.07 -7.04 16.05
N ASN A 127 6.18 -7.97 15.65
CA ASN A 127 6.49 -9.25 14.95
C ASN A 127 6.66 -9.00 13.44
N ASP A 128 7.87 -9.22 12.93
CA ASP A 128 8.25 -9.09 11.49
C ASP A 128 8.98 -10.34 11.01
N PRO A 129 8.92 -10.68 9.70
CA PRO A 129 9.66 -11.84 9.19
C PRO A 129 11.14 -11.51 9.25
N GLN A 130 12.00 -12.53 9.23
CA GLN A 130 13.46 -12.33 9.24
C GLN A 130 13.83 -11.58 7.97
N PHE A 131 14.95 -10.84 8.00
CA PHE A 131 15.62 -10.23 6.83
C PHE A 131 15.95 -11.34 5.82
N GLY A 132 15.84 -11.05 4.52
CA GLY A 132 15.97 -11.99 3.40
C GLY A 132 14.69 -12.77 3.09
N THR A 133 13.59 -12.54 3.83
CA THR A 133 12.27 -13.15 3.50
C THR A 133 11.73 -12.50 2.23
N SER A 134 11.22 -13.31 1.31
CA SER A 134 10.57 -12.89 0.02
C SER A 134 9.13 -12.44 0.29
N CYS A 135 8.76 -11.22 -0.11
CA CYS A 135 7.41 -10.67 0.18
C CYS A 135 6.76 -10.21 -1.13
N GLU A 136 5.44 -10.05 -1.16
CA GLU A 136 4.73 -9.63 -2.39
C GLU A 136 4.30 -8.17 -2.24
N ILE A 137 4.45 -7.41 -3.31
CA ILE A 137 3.84 -6.07 -3.41
C ILE A 137 2.91 -6.04 -4.63
N THR A 138 1.94 -5.16 -4.58
CA THR A 138 0.91 -5.05 -5.62
C THR A 138 0.53 -3.60 -5.81
N GLY A 139 0.13 -3.22 -7.02
CA GLY A 139 -0.29 -1.86 -7.27
C GLY A 139 -0.57 -1.55 -8.74
N PHE A 140 -1.13 -0.39 -8.95
CA PHE A 140 -1.38 0.24 -10.26
C PHE A 140 -0.32 1.31 -10.54
N GLY A 141 0.76 1.33 -9.77
CA GLY A 141 1.82 2.34 -9.94
C GLY A 141 2.58 2.17 -11.23
N LYS A 142 3.45 3.16 -11.53
CA LYS A 142 4.21 3.20 -12.78
C LYS A 142 5.07 1.95 -12.97
N GLU A 143 5.23 1.57 -14.23
CA GLU A 143 6.04 0.41 -14.65
C GLU A 143 7.49 0.86 -14.90
N GLN A 144 7.71 2.16 -15.01
CA GLN A 144 9.04 2.83 -15.15
C GLN A 144 8.94 4.21 -14.50
N SER A 145 9.99 4.62 -13.76
CA SER A 145 10.10 5.93 -13.06
C SER A 145 9.69 7.06 -13.99
N THR A 146 10.07 6.94 -15.27
CA THR A 146 10.02 8.02 -16.28
C THR A 146 8.69 8.03 -17.03
N ASP A 147 7.82 7.03 -16.80
CA ASP A 147 6.46 6.96 -17.38
C ASP A 147 5.58 8.11 -16.83
N TYR A 148 4.64 8.53 -17.66
CA TYR A 148 3.62 9.54 -17.34
C TYR A 148 2.26 8.85 -17.25
N LEU A 149 2.15 7.56 -17.60
CA LEU A 149 0.87 6.84 -17.47
C LEU A 149 1.05 5.73 -16.45
N TYR A 150 -0.07 5.29 -15.89
CA TYR A 150 -0.15 4.09 -15.03
C TYR A 150 -0.62 2.94 -15.91
N PRO A 151 -0.24 1.69 -15.55
CA PRO A 151 -0.71 0.53 -16.28
C PRO A 151 -2.21 0.44 -16.00
N GLU A 152 -2.91 -0.21 -16.91
CA GLU A 152 -4.39 -0.41 -16.87
C GLU A 152 -4.71 -1.68 -16.08
N GLN A 153 -3.76 -2.62 -16.01
CA GLN A 153 -3.90 -3.94 -15.34
C GLN A 153 -3.05 -3.96 -14.05
N LEU A 154 -3.64 -4.48 -13.00
CA LEU A 154 -2.95 -4.63 -11.70
C LEU A 154 -1.66 -5.41 -11.89
N LYS A 155 -0.60 -5.03 -11.20
CA LYS A 155 0.68 -5.76 -11.19
C LYS A 155 1.05 -6.21 -9.78
N MET A 156 1.90 -7.21 -9.72
CA MET A 156 2.54 -7.63 -8.46
C MET A 156 3.97 -8.03 -8.75
N THR A 157 4.81 -8.00 -7.73
CA THR A 157 6.16 -8.53 -7.83
C THR A 157 6.58 -9.04 -6.44
N VAL A 158 7.75 -9.64 -6.40
CA VAL A 158 8.34 -10.17 -5.17
C VAL A 158 9.63 -9.40 -4.91
N VAL A 159 9.77 -8.97 -3.67
CA VAL A 159 10.99 -8.29 -3.16
C VAL A 159 11.41 -8.98 -1.87
N LYS A 160 12.66 -8.80 -1.47
CA LYS A 160 13.22 -9.39 -0.24
C LYS A 160 13.37 -8.30 0.83
N LEU A 161 12.95 -8.59 2.05
CA LEU A 161 13.20 -7.76 3.27
C LEU A 161 14.70 -7.55 3.47
N ILE A 162 15.10 -6.30 3.64
CA ILE A 162 16.52 -5.88 3.85
C ILE A 162 16.66 -5.51 5.33
N SER A 163 17.77 -5.90 5.97
CA SER A 163 18.10 -5.51 7.36
C SER A 163 18.13 -3.97 7.47
N HIS A 164 17.73 -3.44 8.61
CA HIS A 164 17.96 -2.00 8.94
C HIS A 164 19.45 -1.70 8.79
N ARG A 165 20.29 -2.58 9.32
CA ARG A 165 21.76 -2.55 9.16
C ARG A 165 22.10 -2.18 7.73
N GLU A 166 21.60 -2.94 6.75
CA GLU A 166 21.90 -2.73 5.32
C GLU A 166 21.21 -1.43 4.86
N CYS A 167 19.98 -1.17 5.30
CA CYS A 167 19.19 -0.02 4.76
C CYS A 167 19.73 1.33 5.26
N GLN A 168 20.34 1.32 6.45
CA GLN A 168 20.89 2.50 7.17
C GLN A 168 22.28 2.87 6.63
N GLN A 169 22.92 2.05 5.81
CA GLN A 169 24.26 2.39 5.28
C GLN A 169 24.14 3.70 4.53
N PRO A 170 25.20 4.54 4.51
CA PRO A 170 25.13 5.87 3.94
C PRO A 170 24.87 5.93 2.42
N HIS A 171 25.31 4.92 1.67
CA HIS A 171 25.09 4.86 0.20
C HIS A 171 23.69 4.28 -0.11
N TYR A 172 23.00 3.77 0.92
CA TYR A 172 21.54 3.49 0.86
C TYR A 172 20.79 4.75 1.28
N TYR A 173 20.16 4.75 2.44
CA TYR A 173 19.33 5.88 2.91
C TYR A 173 19.90 6.47 4.20
N GLY A 174 20.97 5.86 4.73
CA GLY A 174 21.67 6.40 5.90
C GLY A 174 20.68 6.72 7.00
N SER A 175 20.56 8.01 7.34
CA SER A 175 19.79 8.60 8.46
C SER A 175 18.28 8.48 8.26
N GLU A 176 17.82 8.66 7.01
CA GLU A 176 16.39 8.85 6.66
C GLU A 176 15.54 7.63 7.05
N VAL A 177 16.14 6.45 7.21
CA VAL A 177 15.38 5.21 7.53
C VAL A 177 15.36 5.00 9.04
N THR A 178 14.17 4.78 9.60
CA THR A 178 13.93 4.62 11.05
C THR A 178 13.44 3.21 11.32
N THR A 179 13.30 2.84 12.60
CA THR A 179 12.87 1.48 13.05
C THR A 179 11.35 1.33 12.88
N LYS A 180 10.63 2.37 12.45
CA LYS A 180 9.18 2.24 12.18
C LYS A 180 8.93 2.03 10.67
N MET A 181 10.01 1.83 9.91
CA MET A 181 10.04 1.54 8.47
C MET A 181 10.69 0.16 8.24
N LEU A 182 10.37 -0.46 7.10
CA LEU A 182 11.03 -1.67 6.56
C LEU A 182 11.52 -1.39 5.15
N CYS A 183 12.74 -1.81 4.83
CA CYS A 183 13.26 -1.75 3.45
C CYS A 183 13.05 -3.09 2.76
N ALA A 184 12.80 -3.07 1.46
CA ALA A 184 12.63 -4.29 0.65
C ALA A 184 13.04 -3.94 -0.78
N ALA A 185 13.80 -4.84 -1.39
CA ALA A 185 14.31 -4.64 -2.76
C ALA A 185 14.59 -6.00 -3.35
N ASP A 186 14.75 -5.99 -4.65
CA ASP A 186 15.25 -7.13 -5.46
C ASP A 186 16.77 -7.18 -5.26
N PRO A 187 17.40 -8.35 -5.03
CA PRO A 187 18.85 -8.38 -4.90
C PRO A 187 19.61 -7.92 -6.14
N GLN A 188 18.99 -7.97 -7.32
CA GLN A 188 19.56 -7.42 -8.58
C GLN A 188 19.02 -6.01 -8.87
N TRP A 189 18.19 -5.44 -7.98
CA TRP A 189 17.58 -4.09 -8.15
C TRP A 189 16.72 -3.99 -9.42
N LYS A 190 16.04 -5.05 -9.85
CA LYS A 190 15.34 -5.07 -11.17
C LYS A 190 13.83 -4.88 -11.01
N THR A 191 13.31 -5.03 -9.79
CA THR A 191 11.84 -4.90 -9.55
C THR A 191 11.60 -4.10 -8.27
N ASP A 192 10.54 -3.28 -8.22
CA ASP A 192 10.26 -2.39 -7.08
C ASP A 192 8.83 -1.84 -7.17
N SER A 193 8.33 -1.26 -6.09
CA SER A 193 7.17 -0.33 -6.10
C SER A 193 7.63 0.96 -6.79
N CYS A 194 6.69 1.82 -7.15
CA CYS A 194 7.04 3.11 -7.80
C CYS A 194 5.89 4.08 -7.55
N GLN A 195 5.95 5.27 -8.14
CA GLN A 195 4.92 6.29 -7.86
C GLN A 195 3.56 5.71 -8.24
N GLY A 196 2.52 5.91 -7.41
CA GLY A 196 1.20 5.31 -7.66
C GLY A 196 0.98 3.98 -6.91
N ASP A 197 2.04 3.38 -6.36
CA ASP A 197 1.94 2.13 -5.55
C ASP A 197 1.79 2.50 -4.08
N ALA A 198 2.00 3.78 -3.69
CA ALA A 198 1.89 4.13 -2.26
C ALA A 198 0.54 3.68 -1.68
N GLY A 199 0.59 3.26 -0.42
CA GLY A 199 -0.56 2.83 0.37
C GLY A 199 -0.86 1.37 0.15
N GLY A 200 -0.29 0.77 -0.90
CA GLY A 200 -0.47 -0.64 -1.28
C GLY A 200 0.25 -1.60 -0.31
N PRO A 201 -0.11 -2.92 -0.38
CA PRO A 201 0.43 -3.90 0.55
C PRO A 201 1.81 -4.49 0.20
N LEU A 202 2.58 -4.73 1.25
CA LEU A 202 3.78 -5.59 1.24
C LEU A 202 3.39 -6.81 2.08
N VAL A 203 3.22 -7.96 1.44
CA VAL A 203 2.60 -9.15 2.11
C VAL A 203 3.65 -10.25 2.24
N CYS A 204 3.78 -10.79 3.45
CA CYS A 204 4.78 -11.83 3.76
C CYS A 204 4.05 -13.01 4.43
N SER A 205 4.57 -14.23 4.31
CA SER A 205 4.09 -15.36 5.14
C SER A 205 4.82 -15.24 6.50
N LEU A 206 4.06 -15.25 7.58
CA LEU A 206 4.63 -15.01 8.92
C LEU A 206 3.74 -15.70 9.95
N GLN A 207 4.33 -16.54 10.79
CA GLN A 207 3.58 -17.25 11.85
C GLN A 207 2.39 -17.98 11.23
N GLY A 208 2.58 -18.53 10.02
CA GLY A 208 1.55 -19.35 9.36
C GLY A 208 0.61 -18.67 8.40
N ARG A 209 0.57 -17.33 8.36
CA ARG A 209 -0.46 -16.72 7.49
C ARG A 209 0.11 -15.63 6.57
N MET A 210 -0.56 -15.39 5.46
CA MET A 210 -0.18 -14.25 4.59
C MET A 210 -0.46 -13.03 5.47
N THR A 211 0.53 -12.16 5.64
CA THR A 211 0.36 -11.05 6.60
C THR A 211 0.73 -9.70 5.99
N LEU A 212 -0.05 -8.67 6.33
CA LEU A 212 0.28 -7.29 5.89
C LEU A 212 1.45 -6.81 6.75
N THR A 213 2.65 -6.95 6.23
CA THR A 213 3.89 -6.58 6.93
C THR A 213 4.21 -5.11 6.71
N GLY A 214 3.91 -4.58 5.53
CA GLY A 214 4.24 -3.19 5.28
C GLY A 214 3.25 -2.51 4.36
N ILE A 215 3.34 -1.19 4.34
CA ILE A 215 2.54 -0.29 3.46
C ILE A 215 3.54 0.47 2.62
N VAL A 216 3.39 0.41 1.30
CA VAL A 216 4.27 1.11 0.33
C VAL A 216 4.31 2.58 0.75
N SER A 217 5.49 3.15 0.99
CA SER A 217 5.58 4.53 1.54
C SER A 217 6.46 5.40 0.63
N TRP A 218 7.74 5.08 0.43
CA TRP A 218 8.63 6.01 -0.31
C TRP A 218 9.89 5.31 -0.80
N GLY A 219 10.68 6.04 -1.58
CA GLY A 219 11.96 5.54 -2.14
C GLY A 219 12.60 6.55 -3.07
N ARG A 220 13.93 6.54 -3.20
CA ARG A 220 14.63 7.40 -4.19
C ARG A 220 14.49 6.70 -5.53
N GLY A 221 13.76 7.30 -6.45
CA GLY A 221 13.52 6.66 -7.76
C GLY A 221 12.78 5.34 -7.58
N CYS A 222 12.86 4.47 -8.57
CA CYS A 222 12.21 3.14 -8.53
C CYS A 222 13.16 2.10 -9.15
N ALA A 223 13.48 1.03 -8.43
CA ALA A 223 14.41 -0.05 -8.85
C ALA A 223 15.77 0.57 -9.16
N LEU A 224 16.23 1.51 -8.34
CA LEU A 224 17.57 2.15 -8.43
C LEU A 224 18.54 1.37 -7.55
N LYS A 225 19.75 1.09 -8.03
CA LYS A 225 20.80 0.42 -7.21
C LYS A 225 20.97 1.19 -5.91
N ASP A 226 20.86 0.48 -4.78
CA ASP A 226 21.21 0.90 -3.39
C ASP A 226 20.12 1.82 -2.86
N LYS A 227 18.95 1.85 -3.54
CA LYS A 227 17.78 2.68 -3.17
C LYS A 227 16.55 1.76 -3.08
N PRO A 228 16.44 0.98 -1.99
CA PRO A 228 15.31 0.08 -1.81
C PRO A 228 13.95 0.80 -1.72
N GLY A 229 12.86 0.03 -1.85
CA GLY A 229 11.54 0.53 -1.45
C GLY A 229 11.48 0.65 0.06
N VAL A 230 10.86 1.68 0.57
CA VAL A 230 10.65 1.80 2.03
C VAL A 230 9.14 1.73 2.31
N TYR A 231 8.80 1.01 3.37
CA TYR A 231 7.44 0.61 3.74
C TYR A 231 7.21 1.03 5.16
N THR A 232 5.97 1.43 5.48
CA THR A 232 5.52 1.59 6.89
C THR A 232 5.50 0.21 7.55
N ARG A 233 6.14 0.10 8.73
CA ARG A 233 6.27 -1.19 9.44
C ARG A 233 5.02 -1.43 10.27
N VAL A 234 4.07 -2.20 9.70
CA VAL A 234 2.69 -2.36 10.22
C VAL A 234 2.75 -2.81 11.69
N SER A 235 3.63 -3.77 11.99
CA SER A 235 3.78 -4.43 13.32
C SER A 235 3.97 -3.39 14.43
N HIS A 236 4.41 -2.19 14.09
CA HIS A 236 4.64 -1.13 15.10
C HIS A 236 3.36 -0.33 15.39
N PHE A 237 2.25 -0.55 14.65
CA PHE A 237 1.10 0.40 14.70
C PHE A 237 -0.18 -0.29 15.13
N LEU A 238 -0.08 -1.46 15.76
CA LEU A 238 -1.30 -2.22 16.12
C LEU A 238 -2.17 -1.43 17.11
N PRO A 239 -1.63 -0.75 18.15
CA PRO A 239 -2.49 -0.01 19.08
C PRO A 239 -3.21 1.16 18.39
N TRP A 240 -2.49 1.92 17.56
CA TRP A 240 -3.11 2.96 16.67
C TRP A 240 -4.26 2.37 15.87
N ILE A 241 -3.98 1.27 15.15
CA ILE A 241 -5.01 0.61 14.32
C ILE A 241 -6.20 0.20 15.21
N ARG A 242 -5.99 -0.58 16.27
CA ARG A 242 -7.08 -1.07 17.16
C ARG A 242 -7.90 0.10 17.75
N SER A 243 -7.25 1.18 18.12
CA SER A 243 -7.92 2.40 18.67
C SER A 243 -9.05 2.90 17.74
N HIS A 244 -8.94 2.69 16.41
CA HIS A 244 -9.94 3.18 15.43
C HIS A 244 -10.91 2.05 15.03
N THR A 245 -10.41 0.84 14.78
CA THR A 245 -11.25 -0.32 14.41
C THR A 245 -11.96 -0.86 15.66
#